data_8INJ
#
_entry.id   8INJ
#
_cell.length_a   45.718
_cell.length_b   52.210
_cell.length_c   201.480
_cell.angle_alpha   90.00
_cell.angle_beta   90.00
_cell.angle_gamma   90.00
#
_symmetry.space_group_name_H-M   'P 21 21 21'
#
loop_
_entity.id
_entity.type
_entity.pdbx_description
1 polymer Glycosyltransferase
2 non-polymer "URIDINE-5'-DIPHOSPHATE"
3 non-polymer DIGITOXIGENIN
4 non-polymer 2-AMINO-2-HYDROXYMETHYL-PROPANE-1,3-DIOL
5 water water
#
_entity_poly.entity_id   1
_entity_poly.type   'polypeptide(L)'
_entity_poly.pdbx_seq_one_letter_code
;MTPIHILAFPFPAKGHINPLLHLCNRLASKGFKITLITTVSTLKSVKTSKANGIDIESIPDGIPQEQNHQIITVMEMNME
LYFKQFKASAIENTTKLIQKLKTKNPLPKVLIYDSSMPWILEVAHEQGLLGASFFTQPCSVSAIYYHMLQGTIKLPLENS
ENGMVSLPYLPLLEIKDLPGVQQFEDNSEAVAELLADQFSNIDDVDYVLFNTFDALEIEVVNWMGSKWPILTVGPTAPTS
MFFLDKKQKNYEDGRSINYLFETNTEVCMKWLDQREIDTVIYVSFGSLASLTEEQMEQVSQALIRSNCYFLWVVREEEEN
KLPKDFKETTSKKKGLVINWCPQLDVLAHKSVACFMTHCGWNSTLEALCSGVPMICMPQWADQTTNAKLIEHVWKIGVGV
NKSDENGIVKREEIEDCIRQVIESERGKELKRNAIKWKELAKEAVSEGGSSCNNIQEFSSSLLFN
;
_entity_poly.pdbx_strand_id   A
#
# COMPACT_ATOMS: atom_id res chain seq x y z
N ILE A 4 -13.68 -2.11 -24.38
CA ILE A 4 -12.53 -1.21 -24.23
C ILE A 4 -11.45 -1.95 -23.46
N HIS A 5 -10.21 -1.84 -23.93
CA HIS A 5 -9.07 -2.60 -23.41
C HIS A 5 -8.16 -1.66 -22.62
N ILE A 6 -8.00 -1.96 -21.34
CA ILE A 6 -7.17 -1.18 -20.43
C ILE A 6 -5.92 -1.99 -20.13
N LEU A 7 -4.77 -1.35 -20.21
CA LEU A 7 -3.50 -1.91 -19.77
C LEU A 7 -3.14 -1.32 -18.41
N ALA A 8 -2.58 -2.15 -17.54
CA ALA A 8 -2.23 -1.72 -16.19
C ALA A 8 -0.82 -2.15 -15.86
N PHE A 9 -0.02 -1.22 -15.36
CA PHE A 9 1.41 -1.46 -15.13
C PHE A 9 1.81 -0.94 -13.76
N PRO A 10 1.73 -1.78 -12.73
CA PRO A 10 2.20 -1.37 -11.40
C PRO A 10 3.71 -1.43 -11.29
N PHE A 11 4.23 -0.66 -10.33
CA PHE A 11 5.61 -0.89 -9.90
C PHE A 11 5.71 -2.29 -9.33
N PRO A 12 6.82 -3.01 -9.56
CA PRO A 12 6.93 -4.44 -9.14
C PRO A 12 7.17 -4.63 -7.65
N ALA A 13 6.17 -4.25 -6.86
CA ALA A 13 6.16 -4.51 -5.42
C ALA A 13 4.71 -4.67 -5.00
N LYS A 14 4.47 -5.47 -3.94
CA LYS A 14 3.10 -5.88 -3.62
C LYS A 14 2.20 -4.70 -3.24
N GLY A 15 2.75 -3.70 -2.54
CA GLY A 15 1.95 -2.54 -2.19
C GLY A 15 1.62 -1.63 -3.38
N HIS A 16 2.20 -1.91 -4.52
CA HIS A 16 1.83 -1.22 -5.76
C HIS A 16 0.99 -2.09 -6.67
N ILE A 17 1.29 -3.39 -6.73
CA ILE A 17 0.48 -4.33 -7.49
C ILE A 17 -0.94 -4.42 -6.92
N ASN A 18 -1.06 -4.67 -5.62
CA ASN A 18 -2.37 -4.99 -5.09
C ASN A 18 -3.41 -3.88 -5.29
N PRO A 19 -3.16 -2.62 -4.94
CA PRO A 19 -4.23 -1.61 -5.13
C PRO A 19 -4.59 -1.42 -6.59
N LEU A 20 -3.63 -1.56 -7.51
CA LEU A 20 -3.97 -1.48 -8.92
C LEU A 20 -4.77 -2.71 -9.36
N LEU A 21 -4.42 -3.90 -8.84
CA LEU A 21 -5.20 -5.10 -9.13
C LEU A 21 -6.66 -4.91 -8.70
N HIS A 22 -6.87 -4.36 -7.51
CA HIS A 22 -8.25 -4.15 -7.04
C HIS A 22 -9.01 -3.17 -7.95
N LEU A 23 -8.34 -2.10 -8.40
CA LEU A 23 -8.97 -1.20 -9.37
C LEU A 23 -9.29 -1.92 -10.67
N CYS A 24 -8.35 -2.72 -11.18
CA CYS A 24 -8.60 -3.52 -12.37
C CYS A 24 -9.80 -4.45 -12.19
N ASN A 25 -9.92 -5.07 -11.01
CA ASN A 25 -11.08 -5.94 -10.78
C ASN A 25 -12.39 -5.16 -10.82
N ARG A 26 -12.39 -3.92 -10.28
CA ARG A 26 -13.58 -3.07 -10.38
C ARG A 26 -13.89 -2.74 -11.83
N LEU A 27 -12.85 -2.41 -12.60
CA LEU A 27 -13.09 -2.02 -13.99
C LEU A 27 -13.54 -3.19 -14.83
N ALA A 28 -13.02 -4.39 -14.55
CA ALA A 28 -13.45 -5.57 -15.29
C ALA A 28 -14.91 -5.87 -15.01
N SER A 29 -15.36 -5.62 -13.78
CA SER A 29 -16.75 -5.80 -13.41
C SER A 29 -17.68 -4.88 -14.21
N LYS A 30 -17.17 -3.75 -14.68
CA LYS A 30 -17.95 -2.83 -15.49
C LYS A 30 -17.85 -3.12 -16.99
N GLY A 31 -17.15 -4.19 -17.37
CA GLY A 31 -17.11 -4.61 -18.77
C GLY A 31 -15.79 -4.37 -19.49
N PHE A 32 -14.82 -3.73 -18.86
CA PHE A 32 -13.54 -3.48 -19.51
C PHE A 32 -12.69 -4.75 -19.60
N LYS A 33 -11.92 -4.86 -20.70
CA LYS A 33 -10.89 -5.89 -20.78
C LYS A 33 -9.62 -5.35 -20.15
N ILE A 34 -8.97 -6.18 -19.32
CA ILE A 34 -7.78 -5.76 -18.58
C ILE A 34 -6.62 -6.66 -18.95
N THR A 35 -5.46 -6.04 -19.22
CA THR A 35 -4.19 -6.75 -19.32
C THR A 35 -3.27 -6.17 -18.27
N LEU A 36 -2.78 -7.02 -17.37
CA LEU A 36 -1.90 -6.59 -16.30
C LEU A 36 -0.46 -6.89 -16.72
N ILE A 37 0.41 -5.88 -16.69
CA ILE A 37 1.80 -6.02 -17.10
C ILE A 37 2.65 -6.24 -15.85
N THR A 38 3.32 -7.39 -15.77
CA THR A 38 4.14 -7.77 -14.62
C THR A 38 5.56 -8.11 -15.05
N THR A 39 6.52 -7.91 -14.14
CA THR A 39 7.87 -8.39 -14.42
C THR A 39 7.94 -9.91 -14.24
N VAL A 40 8.97 -10.50 -14.85
CA VAL A 40 9.28 -11.92 -14.61
C VAL A 40 9.38 -12.20 -13.12
N SER A 41 10.05 -11.31 -12.38
CA SER A 41 10.23 -11.51 -10.94
C SER A 41 8.90 -11.58 -10.22
N THR A 42 7.98 -10.66 -10.53
CA THR A 42 6.65 -10.69 -9.94
C THR A 42 5.91 -11.97 -10.31
N LEU A 43 5.97 -12.37 -11.58
CA LEU A 43 5.21 -13.54 -12.02
C LEU A 43 5.67 -14.80 -11.29
N LYS A 44 6.93 -14.87 -10.89
CA LYS A 44 7.41 -16.03 -10.15
C LYS A 44 6.66 -16.22 -8.84
N SER A 45 6.16 -15.14 -8.24
CA SER A 45 5.42 -15.21 -6.98
C SER A 45 3.93 -15.39 -7.17
N VAL A 46 3.42 -15.19 -8.39
CA VAL A 46 2.00 -15.31 -8.68
C VAL A 46 1.60 -16.77 -8.65
N LYS A 47 0.61 -17.11 -7.82
CA LYS A 47 0.14 -18.48 -7.65
C LYS A 47 -1.29 -18.70 -8.12
N THR A 48 -2.13 -17.66 -8.08
CA THR A 48 -3.53 -17.75 -8.50
C THR A 48 -3.87 -16.56 -9.41
N SER A 49 -4.39 -16.84 -10.59
CA SER A 49 -4.78 -15.75 -11.47
C SER A 49 -5.93 -16.14 -12.39
N LYS A 50 -6.18 -17.45 -12.54
CA LYS A 50 -7.20 -17.90 -13.48
C LYS A 50 -8.56 -17.28 -13.21
N ALA A 51 -8.96 -17.20 -11.93
CA ALA A 51 -10.29 -16.70 -11.58
C ALA A 51 -10.46 -15.23 -11.90
N ASN A 52 -9.35 -14.48 -12.02
CA ASN A 52 -9.42 -13.05 -12.27
C ASN A 52 -9.98 -12.75 -13.66
N GLY A 53 -9.75 -13.63 -14.63
CA GLY A 53 -10.08 -13.32 -15.99
C GLY A 53 -9.22 -12.24 -16.62
N ILE A 54 -8.31 -11.63 -15.86
CA ILE A 54 -7.40 -10.62 -16.40
C ILE A 54 -6.26 -11.31 -17.13
N ASP A 55 -5.88 -10.80 -18.30
CA ASP A 55 -4.69 -11.28 -18.98
C ASP A 55 -3.45 -10.78 -18.23
N ILE A 56 -2.50 -11.67 -18.01
CA ILE A 56 -1.21 -11.29 -17.43
C ILE A 56 -0.15 -11.42 -18.51
N GLU A 57 0.58 -10.32 -18.78
CA GLU A 57 1.68 -10.32 -19.72
C GLU A 57 2.95 -9.92 -19.01
N SER A 58 4.02 -10.68 -19.19
CA SER A 58 5.26 -10.41 -18.48
C SER A 58 6.29 -9.73 -19.35
N ILE A 59 7.09 -8.89 -18.70
CA ILE A 59 8.25 -8.22 -19.32
C ILE A 59 9.47 -8.63 -18.54
N PRO A 60 10.66 -8.52 -19.13
CA PRO A 60 11.88 -8.79 -18.38
C PRO A 60 12.01 -7.90 -17.15
N ASP A 61 12.79 -8.36 -16.19
CA ASP A 61 13.06 -7.56 -15.00
C ASP A 61 13.78 -6.27 -15.39
N GLY A 62 14.74 -6.37 -16.32
CA GLY A 62 15.49 -5.23 -16.78
C GLY A 62 16.69 -4.86 -15.93
N ILE A 63 16.87 -5.51 -14.79
CA ILE A 63 18.08 -5.38 -13.97
C ILE A 63 18.58 -6.79 -13.70
N PRO A 64 19.77 -6.99 -13.13
CA PRO A 64 20.28 -8.35 -12.94
C PRO A 64 19.40 -9.18 -12.02
N GLN A 65 19.56 -10.50 -12.13
CA GLN A 65 18.83 -11.45 -11.29
C GLN A 65 19.61 -11.77 -10.02
N GLN A 70 14.60 -11.75 -6.31
CA GLN A 70 13.62 -10.68 -6.10
C GLN A 70 14.13 -9.37 -6.68
N ILE A 71 13.31 -8.70 -7.49
CA ILE A 71 13.82 -7.55 -8.24
C ILE A 71 14.06 -6.36 -7.31
N ILE A 72 13.25 -6.19 -6.25
CA ILE A 72 13.50 -5.04 -5.39
C ILE A 72 14.75 -5.25 -4.54
N THR A 73 15.12 -6.51 -4.26
CA THR A 73 16.33 -6.72 -3.48
C THR A 73 17.60 -6.51 -4.31
N VAL A 74 17.52 -6.68 -5.64
CA VAL A 74 18.64 -6.27 -6.47
C VAL A 74 18.66 -4.75 -6.56
N MET A 75 17.49 -4.13 -6.67
CA MET A 75 17.40 -2.66 -6.72
C MET A 75 17.98 -2.03 -5.47
N GLU A 76 17.84 -2.67 -4.30
CA GLU A 76 18.37 -2.10 -3.07
C GLU A 76 19.90 -1.99 -3.11
N MET A 77 20.56 -2.83 -3.92
CA MET A 77 22.02 -2.81 -3.96
C MET A 77 22.57 -1.49 -4.48
N ASN A 78 21.82 -0.81 -5.34
CA ASN A 78 22.24 0.44 -5.97
C ASN A 78 21.02 1.09 -6.62
N MET A 79 20.25 1.83 -5.82
CA MET A 79 18.98 2.36 -6.32
C MET A 79 19.21 3.33 -7.48
N GLU A 80 20.21 4.20 -7.33
CA GLU A 80 20.58 5.14 -8.37
C GLU A 80 20.76 4.45 -9.71
N LEU A 81 21.61 3.42 -9.78
CA LEU A 81 21.85 2.75 -11.05
C LEU A 81 20.69 1.86 -11.46
N TYR A 82 20.17 1.06 -10.54
CA TYR A 82 19.25 0.00 -10.96
C TYR A 82 17.83 0.50 -11.18
N PHE A 83 17.44 1.62 -10.57
CA PHE A 83 16.15 2.19 -10.93
C PHE A 83 16.19 2.76 -12.35
N LYS A 84 17.29 3.42 -12.72
CA LYS A 84 17.40 3.86 -14.12
C LYS A 84 17.54 2.71 -15.11
N GLN A 85 18.22 1.63 -14.74
CA GLN A 85 18.23 0.47 -15.62
C GLN A 85 16.82 -0.11 -15.76
N PHE A 86 16.12 -0.26 -14.64
CA PHE A 86 14.74 -0.72 -14.69
C PHE A 86 13.88 0.20 -15.58
N LYS A 87 14.07 1.52 -15.45
CA LYS A 87 13.32 2.46 -16.27
C LYS A 87 13.59 2.26 -17.76
N ALA A 88 14.87 2.22 -18.14
CA ALA A 88 15.19 2.08 -19.56
C ALA A 88 14.64 0.77 -20.12
N SER A 89 14.76 -0.31 -19.36
CA SER A 89 14.26 -1.59 -19.84
C SER A 89 12.73 -1.61 -19.88
N ALA A 90 12.08 -1.04 -18.87
CA ALA A 90 10.61 -0.97 -18.86
C ALA A 90 10.10 -0.18 -20.05
N ILE A 91 10.77 0.92 -20.41
CA ILE A 91 10.35 1.71 -21.55
C ILE A 91 10.44 0.88 -22.83
N GLU A 92 11.56 0.18 -23.01
CA GLU A 92 11.76 -0.64 -24.22
C GLU A 92 10.76 -1.78 -24.27
N ASN A 93 10.62 -2.51 -23.15
CA ASN A 93 9.83 -3.73 -23.18
C ASN A 93 8.33 -3.48 -23.09
N THR A 94 7.88 -2.41 -22.43
CA THR A 94 6.47 -2.09 -22.54
C THR A 94 6.13 -1.59 -23.94
N THR A 95 7.06 -0.90 -24.60
CA THR A 95 6.82 -0.52 -26.00
C THR A 95 6.64 -1.77 -26.87
N LYS A 96 7.55 -2.74 -26.72
CA LYS A 96 7.47 -3.97 -27.50
C LYS A 96 6.18 -4.72 -27.19
N LEU A 97 5.78 -4.77 -25.92
CA LEU A 97 4.54 -5.46 -25.59
C LEU A 97 3.33 -4.75 -26.20
N ILE A 98 3.28 -3.42 -26.11
CA ILE A 98 2.13 -2.72 -26.68
C ILE A 98 2.08 -2.93 -28.19
N GLN A 99 3.23 -2.84 -28.85
CA GLN A 99 3.28 -3.14 -30.29
C GLN A 99 2.67 -4.51 -30.60
N LYS A 100 2.95 -5.52 -29.78
CA LYS A 100 2.35 -6.86 -29.94
C LYS A 100 0.84 -6.83 -29.68
N LEU A 101 0.42 -6.15 -28.61
CA LEU A 101 -1.00 -6.05 -28.28
C LEU A 101 -1.76 -5.31 -29.37
N LYS A 102 -1.09 -4.43 -30.10
CA LYS A 102 -1.76 -3.77 -31.22
C LYS A 102 -2.00 -4.70 -32.42
N THR A 103 -1.61 -5.97 -32.39
CA THR A 103 -1.99 -6.91 -33.42
C THR A 103 -3.20 -7.74 -33.01
N LYS A 104 -3.82 -7.44 -31.88
CA LYS A 104 -4.92 -8.23 -31.35
C LYS A 104 -6.11 -7.32 -31.07
N ASN A 105 -7.31 -7.86 -31.27
CA ASN A 105 -8.55 -7.21 -30.87
C ASN A 105 -9.06 -7.79 -29.56
N PRO A 106 -9.54 -6.94 -28.64
CA PRO A 106 -9.66 -5.48 -28.79
C PRO A 106 -8.34 -4.73 -28.58
N LEU A 107 -8.15 -3.65 -29.33
CA LEU A 107 -6.93 -2.88 -29.24
C LEU A 107 -6.85 -2.13 -27.91
N PRO A 108 -5.65 -2.00 -27.32
CA PRO A 108 -5.53 -1.23 -26.08
C PRO A 108 -5.86 0.24 -26.30
N LYS A 109 -6.48 0.86 -25.29
CA LYS A 109 -6.89 2.26 -25.38
C LYS A 109 -6.27 3.15 -24.33
N VAL A 110 -5.95 2.61 -23.17
CA VAL A 110 -5.44 3.40 -22.06
C VAL A 110 -4.42 2.55 -21.30
N LEU A 111 -3.41 3.22 -20.77
CA LEU A 111 -2.42 2.60 -19.91
C LEU A 111 -2.49 3.28 -18.55
N ILE A 112 -2.93 2.52 -17.53
CA ILE A 112 -2.87 2.96 -16.14
C ILE A 112 -1.55 2.48 -15.57
N TYR A 113 -0.71 3.42 -15.14
CA TYR A 113 0.64 3.08 -14.70
C TYR A 113 0.88 3.67 -13.32
N ASP A 114 1.73 2.99 -12.56
CA ASP A 114 2.13 3.47 -11.22
C ASP A 114 2.70 4.88 -11.28
N SER A 115 2.23 5.76 -10.39
CA SER A 115 2.69 7.15 -10.39
C SER A 115 4.20 7.26 -10.20
N SER A 116 4.85 6.25 -9.62
CA SER A 116 6.29 6.27 -9.44
C SER A 116 7.06 6.04 -10.74
N MET A 117 6.38 5.71 -11.84
CA MET A 117 7.01 5.53 -13.14
C MET A 117 6.44 6.56 -14.10
N PRO A 118 6.64 7.86 -13.82
CA PRO A 118 5.98 8.88 -14.64
C PRO A 118 6.40 8.83 -16.09
N TRP A 119 7.58 8.30 -16.38
CA TRP A 119 8.11 8.20 -17.74
C TRP A 119 7.35 7.21 -18.61
N ILE A 120 6.45 6.42 -18.02
CA ILE A 120 5.59 5.55 -18.83
C ILE A 120 4.55 6.38 -19.58
N LEU A 121 4.27 7.61 -19.13
CA LEU A 121 3.37 8.47 -19.88
C LEU A 121 3.86 8.68 -21.30
N GLU A 122 5.18 8.85 -21.47
CA GLU A 122 5.74 9.04 -22.81
C GLU A 122 5.47 7.82 -23.69
N VAL A 123 5.56 6.63 -23.10
CA VAL A 123 5.28 5.40 -23.84
C VAL A 123 3.81 5.34 -24.23
N ALA A 124 2.90 5.65 -23.30
CA ALA A 124 1.48 5.65 -23.65
C ALA A 124 1.19 6.57 -24.83
N HIS A 125 1.66 7.80 -24.75
CA HIS A 125 1.36 8.78 -25.78
C HIS A 125 2.04 8.42 -27.09
N GLU A 126 3.28 7.93 -27.05
CA GLU A 126 3.94 7.51 -28.28
C GLU A 126 3.16 6.41 -28.99
N GLN A 127 2.49 5.55 -28.23
CA GLN A 127 1.69 4.44 -28.75
C GLN A 127 0.23 4.82 -28.99
N GLY A 128 -0.14 6.09 -28.84
CA GLY A 128 -1.50 6.50 -29.12
C GLY A 128 -2.51 6.16 -28.05
N LEU A 129 -2.06 5.84 -26.84
CA LEU A 129 -2.91 5.50 -25.72
C LEU A 129 -3.09 6.69 -24.80
N LEU A 130 -4.20 6.70 -24.08
CA LEU A 130 -4.36 7.63 -22.97
C LEU A 130 -3.51 7.14 -21.81
N GLY A 131 -3.00 8.08 -21.00
CA GLY A 131 -2.19 7.70 -19.86
C GLY A 131 -2.82 8.13 -18.55
N ALA A 132 -2.95 7.20 -17.61
CA ALA A 132 -3.52 7.48 -16.30
C ALA A 132 -2.48 7.13 -15.23
N SER A 133 -2.10 8.13 -14.42
CA SER A 133 -1.14 7.92 -13.36
C SER A 133 -1.88 7.50 -12.10
N PHE A 134 -1.47 6.38 -11.50
CA PHE A 134 -2.17 5.80 -10.35
C PHE A 134 -1.29 5.99 -9.12
N PHE A 135 -1.73 6.89 -8.22
CA PHE A 135 -1.01 7.18 -6.98
C PHE A 135 -1.47 6.22 -5.88
N THR A 136 -0.51 5.52 -5.28
CA THR A 136 -0.77 4.51 -4.26
C THR A 136 -0.55 5.04 -2.84
N GLN A 137 -0.37 6.34 -2.67
CA GLN A 137 -0.20 7.01 -1.39
C GLN A 137 -1.32 8.04 -1.23
N PRO A 138 -1.60 8.48 0.00
CA PRO A 138 -2.68 9.47 0.18
C PRO A 138 -2.31 10.81 -0.41
N CYS A 139 -3.33 11.62 -0.71
CA CYS A 139 -3.04 12.97 -1.21
C CYS A 139 -2.21 13.78 -0.22
N SER A 140 -2.39 13.58 1.10
CA SER A 140 -1.63 14.36 2.07
C SER A 140 -0.13 14.10 1.93
N VAL A 141 0.25 12.83 1.74
CA VAL A 141 1.66 12.52 1.57
C VAL A 141 2.13 12.93 0.19
N SER A 142 1.33 12.65 -0.84
CA SER A 142 1.70 13.02 -2.20
C SER A 142 1.96 14.52 -2.31
N ALA A 143 1.20 15.32 -1.58
CA ALA A 143 1.43 16.77 -1.55
C ALA A 143 2.87 17.09 -1.14
N ILE A 144 3.42 16.36 -0.17
CA ILE A 144 4.80 16.61 0.24
C ILE A 144 5.76 16.39 -0.93
N TYR A 145 5.53 15.34 -1.70
CA TYR A 145 6.41 15.05 -2.84
C TYR A 145 6.32 16.13 -3.90
N TYR A 146 5.14 16.70 -4.09
CA TYR A 146 4.99 17.83 -4.99
C TYR A 146 5.80 19.02 -4.50
N HIS A 147 5.69 19.37 -3.22
CA HIS A 147 6.45 20.47 -2.65
C HIS A 147 7.96 20.22 -2.73
N MET A 148 8.34 18.95 -2.69
CA MET A 148 9.73 18.53 -2.86
C MET A 148 10.21 18.85 -4.27
N LEU A 149 9.40 18.50 -5.27
CA LEU A 149 9.75 18.80 -6.66
C LEU A 149 9.86 20.30 -6.89
N GLN A 150 8.94 21.08 -6.33
CA GLN A 150 8.98 22.53 -6.50
C GLN A 150 10.16 23.17 -5.78
N GLY A 151 10.81 22.44 -4.88
CA GLY A 151 11.92 22.96 -4.11
C GLY A 151 11.52 23.65 -2.83
N THR A 152 10.24 23.61 -2.46
CA THR A 152 9.76 24.23 -1.24
C THR A 152 10.28 23.51 0.01
N ILE A 153 10.66 22.25 -0.12
CA ILE A 153 11.18 21.48 1.00
C ILE A 153 12.15 20.43 0.46
N LYS A 154 13.18 20.13 1.24
CA LYS A 154 14.17 19.12 0.88
C LYS A 154 14.19 18.02 1.93
N LEU A 155 14.64 16.84 1.50
CA LEU A 155 14.75 15.66 2.36
C LEU A 155 13.41 15.29 2.97
N MET A 164 10.03 21.64 13.47
CA MET A 164 8.63 21.76 13.06
C MET A 164 8.50 22.23 11.59
N VAL A 165 7.57 21.64 10.86
CA VAL A 165 7.42 21.85 9.43
C VAL A 165 5.95 22.16 9.12
N SER A 166 5.71 23.30 8.48
CA SER A 166 4.38 23.70 8.04
C SER A 166 4.29 23.55 6.53
N LEU A 167 3.24 22.87 6.07
CA LEU A 167 2.92 22.75 4.67
C LEU A 167 1.42 22.95 4.50
N PRO A 168 0.98 23.49 3.36
CA PRO A 168 -0.45 23.82 3.21
C PRO A 168 -1.32 22.60 3.43
N TYR A 169 -2.35 22.77 4.26
CA TYR A 169 -3.42 21.81 4.46
C TYR A 169 -2.96 20.50 5.10
N LEU A 170 -1.79 20.51 5.74
CA LEU A 170 -1.29 19.39 6.53
C LEU A 170 -1.08 19.84 7.97
N PRO A 171 -1.25 18.92 8.94
CA PRO A 171 -0.96 19.28 10.33
C PRO A 171 0.51 19.64 10.47
N LEU A 172 0.79 20.48 11.46
CA LEU A 172 2.18 20.75 11.85
C LEU A 172 2.91 19.44 12.03
N LEU A 173 4.10 19.33 11.42
CA LEU A 173 4.85 18.09 11.40
C LEU A 173 6.14 18.26 12.17
N GLU A 174 6.48 17.25 12.97
CA GLU A 174 7.83 17.17 13.50
C GLU A 174 8.74 16.61 12.41
N ILE A 175 10.05 16.79 12.59
CA ILE A 175 10.99 16.30 11.59
C ILE A 175 10.80 14.79 11.39
N LYS A 176 10.61 14.05 12.48
CA LYS A 176 10.36 12.61 12.42
C LYS A 176 9.11 12.25 11.66
N ASP A 177 8.21 13.21 11.41
CA ASP A 177 6.96 12.94 10.75
C ASP A 177 7.05 13.06 9.23
N LEU A 178 8.11 13.66 8.70
CA LEU A 178 8.30 13.75 7.26
C LEU A 178 8.67 12.39 6.69
N PRO A 179 8.39 12.15 5.41
CA PRO A 179 8.75 10.85 4.81
C PRO A 179 10.22 10.53 5.04
N GLY A 180 10.47 9.30 5.48
CA GLY A 180 11.81 8.89 5.86
C GLY A 180 12.66 8.38 4.71
N VAL A 181 13.66 9.16 4.29
CA VAL A 181 14.61 8.72 3.28
C VAL A 181 16.01 8.55 3.84
N GLN A 182 16.34 9.21 4.97
CA GLN A 182 17.66 9.02 5.58
C GLN A 182 17.90 7.56 5.94
N GLN A 183 16.83 6.80 6.19
CA GLN A 183 16.97 5.38 6.49
C GLN A 183 17.63 4.61 5.35
N PHE A 184 17.61 5.15 4.14
CA PHE A 184 18.09 4.43 2.96
C PHE A 184 19.58 4.64 2.69
N GLU A 185 20.26 5.47 3.48
CA GLU A 185 21.72 5.64 3.43
C GLU A 185 22.14 6.06 2.02
N ASP A 186 22.98 5.28 1.32
CA ASP A 186 23.48 5.73 0.02
C ASP A 186 22.37 5.78 -1.03
N ASN A 187 21.27 5.05 -0.83
CA ASN A 187 20.11 5.14 -1.72
C ASN A 187 19.22 6.34 -1.42
N SER A 188 19.51 7.13 -0.39
CA SER A 188 18.56 8.16 0.04
C SER A 188 18.32 9.19 -1.05
N GLU A 189 19.39 9.65 -1.72
CA GLU A 189 19.21 10.64 -2.78
C GLU A 189 18.37 10.08 -3.92
N ALA A 190 18.62 8.83 -4.33
CA ALA A 190 17.86 8.26 -5.45
C ALA A 190 16.39 8.09 -5.08
N VAL A 191 16.11 7.74 -3.82
CA VAL A 191 14.72 7.52 -3.44
C VAL A 191 13.98 8.85 -3.35
N ALA A 192 14.61 9.89 -2.80
CA ALA A 192 13.97 11.19 -2.74
C ALA A 192 13.66 11.71 -4.14
N GLU A 193 14.58 11.51 -5.09
CA GLU A 193 14.34 11.93 -6.46
C GLU A 193 13.15 11.20 -7.08
N LEU A 194 13.08 9.88 -6.88
CA LEU A 194 11.98 9.09 -7.39
C LEU A 194 10.64 9.61 -6.87
N LEU A 195 10.58 9.96 -5.58
CA LEU A 195 9.31 10.38 -5.02
C LEU A 195 8.88 11.73 -5.59
N ALA A 196 9.80 12.69 -5.66
CA ALA A 196 9.44 14.00 -6.18
C ALA A 196 9.08 13.94 -7.66
N ASP A 197 9.67 12.99 -8.39
CA ASP A 197 9.44 12.94 -9.83
C ASP A 197 8.03 12.46 -10.17
N GLN A 198 7.27 11.96 -9.20
CA GLN A 198 5.88 11.60 -9.47
C GLN A 198 5.07 12.77 -10.04
N PHE A 199 5.51 14.01 -9.81
CA PHE A 199 4.77 15.19 -10.26
C PHE A 199 5.45 15.86 -11.45
N SER A 200 6.48 15.23 -12.01
CA SER A 200 7.32 15.88 -13.01
C SER A 200 6.60 16.14 -14.33
N ASN A 201 5.51 15.42 -14.62
CA ASN A 201 4.78 15.61 -15.87
C ASN A 201 3.27 15.62 -15.62
N ILE A 202 2.85 15.98 -14.41
CA ILE A 202 1.45 15.86 -14.01
C ILE A 202 0.53 16.67 -14.93
N ASP A 203 1.03 17.77 -15.50
CA ASP A 203 0.20 18.58 -16.40
C ASP A 203 -0.10 17.87 -17.72
N ASP A 204 0.68 16.84 -18.08
CA ASP A 204 0.47 16.15 -19.34
C ASP A 204 -0.32 14.85 -19.21
N VAL A 205 -0.61 14.42 -17.98
CA VAL A 205 -1.30 13.16 -17.74
C VAL A 205 -2.77 13.29 -18.12
N ASP A 206 -3.33 12.25 -18.75
CA ASP A 206 -4.73 12.33 -19.13
C ASP A 206 -5.67 12.12 -17.97
N TYR A 207 -5.28 11.30 -17.00
CA TYR A 207 -6.09 11.07 -15.80
C TYR A 207 -5.16 10.93 -14.60
N VAL A 208 -5.50 11.56 -13.48
CA VAL A 208 -4.71 11.47 -12.25
C VAL A 208 -5.60 10.76 -11.24
N LEU A 209 -5.23 9.55 -10.85
CA LEU A 209 -6.02 8.72 -9.94
C LEU A 209 -5.34 8.59 -8.59
N PHE A 210 -6.09 8.77 -7.50
CA PHE A 210 -5.57 8.61 -6.16
C PHE A 210 -6.34 7.53 -5.42
N ASN A 211 -5.63 6.62 -4.74
CA ASN A 211 -6.29 5.59 -3.94
C ASN A 211 -6.61 6.16 -2.55
N THR A 212 -7.60 7.05 -2.53
CA THR A 212 -8.07 7.68 -1.30
C THR A 212 -9.52 8.06 -1.51
N PHE A 213 -10.21 8.53 -0.44
CA PHE A 213 -11.54 9.09 -0.63
C PHE A 213 -11.62 10.48 0.00
N ASP A 214 -12.45 11.34 -0.60
CA ASP A 214 -12.43 12.78 -0.29
C ASP A 214 -12.62 13.06 1.20
N ALA A 215 -13.55 12.34 1.84
CA ALA A 215 -13.86 12.64 3.24
C ALA A 215 -12.65 12.43 4.15
N LEU A 216 -11.71 11.59 3.74
CA LEU A 216 -10.54 11.30 4.54
C LEU A 216 -9.55 12.48 4.55
N GLU A 217 -9.55 13.31 3.50
CA GLU A 217 -8.58 14.42 3.45
C GLU A 217 -9.17 15.54 2.57
N ILE A 218 -10.21 16.16 3.12
CA ILE A 218 -11.05 17.12 2.40
C ILE A 218 -10.22 18.27 1.86
N GLU A 219 -9.44 18.92 2.73
CA GLU A 219 -8.80 20.17 2.35
C GLU A 219 -7.68 19.94 1.34
N VAL A 220 -6.84 18.92 1.56
CA VAL A 220 -5.74 18.72 0.61
C VAL A 220 -6.25 18.20 -0.72
N VAL A 221 -7.35 17.43 -0.74
CA VAL A 221 -7.92 17.00 -2.01
C VAL A 221 -8.47 18.21 -2.78
N ASN A 222 -9.17 19.10 -2.08
CA ASN A 222 -9.70 20.32 -2.69
C ASN A 222 -8.58 21.20 -3.21
N TRP A 223 -7.48 21.28 -2.46
CA TRP A 223 -6.32 22.04 -2.91
C TRP A 223 -5.73 21.44 -4.18
N MET A 224 -5.48 20.12 -4.22
CA MET A 224 -4.96 19.57 -5.48
C MET A 224 -5.96 19.69 -6.60
N GLY A 225 -7.25 19.52 -6.31
CA GLY A 225 -8.26 19.69 -7.34
C GLY A 225 -8.29 21.07 -7.97
N SER A 226 -7.74 22.08 -7.27
CA SER A 226 -7.63 23.43 -7.81
C SER A 226 -6.47 23.57 -8.78
N LYS A 227 -5.53 22.62 -8.78
CA LYS A 227 -4.38 22.66 -9.67
C LYS A 227 -4.54 21.76 -10.89
N TRP A 228 -5.07 20.56 -10.69
CA TRP A 228 -5.28 19.60 -11.76
C TRP A 228 -6.58 18.87 -11.48
N PRO A 229 -7.30 18.46 -12.53
CA PRO A 229 -8.42 17.54 -12.32
C PRO A 229 -7.88 16.18 -11.87
N ILE A 230 -8.23 15.80 -10.64
CA ILE A 230 -7.81 14.54 -10.04
C ILE A 230 -9.07 13.73 -9.75
N LEU A 231 -8.92 12.40 -9.74
CA LEU A 231 -10.02 11.47 -9.49
C LEU A 231 -9.66 10.62 -8.29
N THR A 232 -10.37 10.80 -7.18
CA THR A 232 -10.17 9.98 -6.00
C THR A 232 -11.06 8.74 -6.12
N VAL A 233 -10.44 7.56 -6.10
CA VAL A 233 -11.16 6.35 -6.48
C VAL A 233 -11.04 5.28 -5.41
N GLY A 234 -10.61 5.66 -4.20
CA GLY A 234 -10.29 4.68 -3.18
C GLY A 234 -11.34 4.58 -2.09
N PRO A 235 -11.26 3.51 -1.28
CA PRO A 235 -10.30 2.42 -1.43
C PRO A 235 -10.61 1.57 -2.64
N THR A 236 -9.59 1.25 -3.45
CA THR A 236 -9.84 0.34 -4.55
C THR A 236 -10.10 -1.09 -4.07
N ALA A 237 -9.57 -1.45 -2.91
CA ALA A 237 -9.81 -2.77 -2.34
C ALA A 237 -11.31 -2.98 -2.11
N PRO A 238 -11.80 -4.24 -2.24
CA PRO A 238 -13.23 -4.53 -2.09
C PRO A 238 -13.70 -4.66 -0.64
N SER A 256 -10.30 -16.71 -4.26
CA SER A 256 -11.07 -15.54 -4.71
C SER A 256 -10.30 -14.86 -5.85
N ILE A 257 -10.67 -13.62 -6.18
CA ILE A 257 -9.92 -12.86 -7.22
C ILE A 257 -9.14 -11.76 -6.50
N ASN A 258 -9.25 -11.69 -5.18
CA ASN A 258 -8.64 -10.55 -4.44
C ASN A 258 -7.13 -10.71 -4.26
N TYR A 259 -6.57 -11.87 -4.56
CA TYR A 259 -5.12 -12.06 -4.26
C TYR A 259 -4.40 -12.79 -5.40
N LEU A 260 -3.18 -12.36 -5.69
CA LEU A 260 -2.42 -13.08 -6.70
C LEU A 260 -1.44 -14.07 -6.09
N PHE A 261 -1.05 -13.83 -4.85
CA PHE A 261 0.06 -14.51 -4.22
C PHE A 261 -0.49 -15.47 -3.18
N GLU A 262 0.38 -16.35 -2.69
CA GLU A 262 -0.04 -17.33 -1.70
C GLU A 262 -0.40 -16.62 -0.41
N THR A 263 -1.62 -16.82 0.06
CA THR A 263 -2.10 -16.12 1.24
C THR A 263 -2.38 -17.04 2.44
N ASN A 264 -2.23 -18.35 2.28
CA ASN A 264 -2.45 -19.29 3.39
C ASN A 264 -3.85 -19.12 4.00
N THR A 265 -4.84 -18.96 3.11
CA THR A 265 -6.14 -18.46 3.54
C THR A 265 -6.83 -19.44 4.49
N GLU A 266 -6.80 -20.75 4.18
CA GLU A 266 -7.52 -21.71 4.99
C GLU A 266 -6.94 -21.79 6.40
N VAL A 267 -5.61 -21.86 6.51
CA VAL A 267 -4.99 -21.88 7.84
C VAL A 267 -5.38 -20.64 8.63
N CYS A 268 -5.24 -19.47 8.01
CA CYS A 268 -5.44 -18.22 8.73
C CYS A 268 -6.88 -18.07 9.20
N MET A 269 -7.84 -18.37 8.34
CA MET A 269 -9.22 -18.08 8.71
C MET A 269 -9.82 -19.16 9.61
N LYS A 270 -9.35 -20.41 9.50
CA LYS A 270 -9.78 -21.40 10.49
C LYS A 270 -9.28 -21.03 11.88
N TRP A 271 -8.07 -20.46 11.98
CA TRP A 271 -7.54 -20.06 13.27
C TRP A 271 -8.29 -18.87 13.83
N LEU A 272 -8.57 -17.86 12.99
CA LEU A 272 -9.34 -16.70 13.41
C LEU A 272 -10.76 -17.09 13.84
N ASP A 273 -11.35 -18.09 13.17
CA ASP A 273 -12.69 -18.53 13.54
C ASP A 273 -12.73 -19.16 14.93
N GLN A 274 -11.58 -19.53 15.48
CA GLN A 274 -11.52 -20.07 16.84
C GLN A 274 -11.35 -19.00 17.92
N ARG A 275 -11.27 -17.73 17.54
CA ARG A 275 -11.04 -16.62 18.46
C ARG A 275 -12.33 -15.84 18.69
N GLU A 276 -12.54 -15.39 19.92
CA GLU A 276 -13.71 -14.57 20.20
C GLU A 276 -13.51 -13.14 19.70
N ILE A 277 -14.61 -12.38 19.70
CA ILE A 277 -14.61 -11.03 19.16
C ILE A 277 -13.62 -10.17 19.93
N ASP A 278 -12.80 -9.42 19.21
CA ASP A 278 -11.99 -8.34 19.80
C ASP A 278 -10.88 -8.90 20.70
N THR A 279 -10.20 -9.95 20.26
CA THR A 279 -9.17 -10.58 21.08
C THR A 279 -7.83 -10.75 20.40
N VAL A 280 -7.73 -10.50 19.10
CA VAL A 280 -6.54 -10.83 18.33
C VAL A 280 -5.83 -9.54 17.93
N ILE A 281 -4.53 -9.51 18.18
CA ILE A 281 -3.64 -8.51 17.60
C ILE A 281 -3.15 -9.05 16.27
N TYR A 282 -3.44 -8.37 15.19
CA TYR A 282 -2.85 -8.68 13.89
C TYR A 282 -1.56 -7.88 13.75
N VAL A 283 -0.48 -8.54 13.35
CA VAL A 283 0.83 -7.88 13.26
C VAL A 283 1.41 -8.11 11.86
N SER A 284 1.77 -7.03 11.17
CA SER A 284 2.41 -7.19 9.88
C SER A 284 3.23 -5.95 9.57
N PHE A 285 4.44 -6.15 9.04
CA PHE A 285 5.25 -5.03 8.58
C PHE A 285 5.31 -4.96 7.05
N GLY A 286 4.31 -5.54 6.38
CA GLY A 286 4.19 -5.35 4.96
C GLY A 286 5.04 -6.32 4.15
N SER A 287 5.31 -5.90 2.92
CA SER A 287 5.94 -6.72 1.91
C SER A 287 7.42 -6.43 1.73
N LEU A 288 7.91 -5.32 2.29
CA LEU A 288 9.27 -4.85 2.02
C LEU A 288 10.10 -4.66 3.29
N ALA A 289 9.53 -4.05 4.33
CA ALA A 289 10.31 -3.70 5.51
C ALA A 289 10.87 -4.93 6.19
N SER A 290 12.10 -4.81 6.68
CA SER A 290 12.81 -5.87 7.37
C SER A 290 13.27 -5.33 8.72
N LEU A 291 12.93 -6.03 9.79
CA LEU A 291 13.40 -5.67 11.12
C LEU A 291 14.63 -6.49 11.46
N THR A 292 15.55 -5.87 12.21
CA THR A 292 16.73 -6.58 12.67
C THR A 292 16.32 -7.67 13.64
N GLU A 293 17.20 -8.65 13.81
CA GLU A 293 16.95 -9.70 14.79
C GLU A 293 16.79 -9.12 16.18
N GLU A 294 17.49 -8.02 16.48
CA GLU A 294 17.32 -7.38 17.78
C GLU A 294 15.91 -6.85 17.93
N GLN A 295 15.38 -6.22 16.88
CA GLN A 295 14.05 -5.64 16.95
C GLN A 295 12.96 -6.71 17.00
N MET A 296 13.13 -7.81 16.27
CA MET A 296 12.10 -8.85 16.31
C MET A 296 12.06 -9.58 17.65
N GLU A 297 13.15 -9.64 18.40
CA GLU A 297 13.05 -10.19 19.75
C GLU A 297 12.12 -9.35 20.61
N GLN A 298 12.29 -8.02 20.56
CA GLN A 298 11.44 -7.15 21.37
C GLN A 298 9.97 -7.31 20.99
N VAL A 299 9.68 -7.44 19.69
CA VAL A 299 8.30 -7.69 19.26
C VAL A 299 7.82 -9.03 19.80
N SER A 300 8.65 -10.08 19.68
CA SER A 300 8.26 -11.42 20.12
C SER A 300 7.90 -11.43 21.61
N GLN A 301 8.78 -10.89 22.46
CA GLN A 301 8.52 -10.96 23.89
C GLN A 301 7.35 -10.10 24.28
N ALA A 302 7.16 -8.97 23.59
CA ALA A 302 6.01 -8.12 23.86
C ALA A 302 4.70 -8.85 23.57
N LEU A 303 4.68 -9.64 22.49
CA LEU A 303 3.44 -10.36 22.15
C LEU A 303 3.16 -11.49 23.13
N ILE A 304 4.19 -12.24 23.54
CA ILE A 304 3.99 -13.30 24.54
C ILE A 304 3.44 -12.73 25.84
N ARG A 305 4.00 -11.63 26.31
CA ARG A 305 3.61 -11.26 27.65
C ARG A 305 2.32 -10.47 27.70
N SER A 306 1.95 -9.82 26.62
CA SER A 306 0.61 -9.24 26.55
C SER A 306 -0.47 -10.26 26.89
N ASN A 307 -0.15 -11.56 26.75
CA ASN A 307 -1.11 -12.67 26.83
C ASN A 307 -2.31 -12.46 25.93
N CYS A 308 -2.11 -11.75 24.83
CA CYS A 308 -3.13 -11.58 23.81
C CYS A 308 -2.92 -12.66 22.75
N TYR A 309 -4.01 -13.09 22.13
CA TYR A 309 -3.88 -13.86 20.89
C TYR A 309 -3.35 -12.96 19.79
N PHE A 310 -2.52 -13.52 18.91
CA PHE A 310 -1.90 -12.72 17.86
C PHE A 310 -1.70 -13.54 16.60
N LEU A 311 -1.84 -12.87 15.46
CA LEU A 311 -1.50 -13.41 14.15
C LEU A 311 -0.40 -12.50 13.61
N TRP A 312 0.80 -13.04 13.45
CA TRP A 312 1.96 -12.25 13.05
C TRP A 312 2.49 -12.75 11.71
N VAL A 313 2.38 -11.91 10.68
CA VAL A 313 2.97 -12.21 9.38
C VAL A 313 4.48 -11.94 9.45
N VAL A 314 5.28 -12.99 9.31
CA VAL A 314 6.72 -12.90 9.21
C VAL A 314 7.11 -13.55 7.90
N ARG A 315 7.57 -12.75 6.95
CA ARG A 315 7.86 -13.26 5.61
C ARG A 315 8.93 -14.35 5.66
N GLU A 316 8.86 -15.27 4.70
CA GLU A 316 9.71 -16.46 4.69
C GLU A 316 11.20 -16.11 4.84
N GLU A 317 11.65 -15.09 4.12
CA GLU A 317 13.05 -14.71 4.18
C GLU A 317 13.41 -14.04 5.49
N GLU A 318 12.43 -13.74 6.34
CA GLU A 318 12.65 -13.09 7.62
C GLU A 318 12.49 -14.02 8.81
N GLU A 319 12.02 -15.25 8.61
CA GLU A 319 11.83 -16.19 9.72
C GLU A 319 13.12 -16.46 10.48
N ASN A 320 14.26 -16.45 9.79
CA ASN A 320 15.51 -16.82 10.45
C ASN A 320 16.01 -15.77 11.43
N LYS A 321 15.29 -14.65 11.57
CA LYS A 321 15.59 -13.67 12.61
C LYS A 321 14.72 -13.81 13.85
N LEU A 322 13.76 -14.74 13.84
CA LEU A 322 12.88 -14.95 14.99
C LEU A 322 13.64 -15.68 16.11
N PRO A 323 13.29 -15.43 17.37
CA PRO A 323 13.91 -16.20 18.46
C PRO A 323 13.79 -17.69 18.25
N LYS A 324 14.73 -18.44 18.87
CA LYS A 324 14.93 -19.87 18.66
C LYS A 324 13.65 -20.68 18.41
N ASP A 325 12.83 -20.82 19.44
CA ASP A 325 11.71 -21.75 19.39
C ASP A 325 10.38 -21.01 19.28
N PHE A 326 10.39 -19.81 18.68
CA PHE A 326 9.20 -18.97 18.69
C PHE A 326 8.11 -19.55 17.80
N LYS A 327 8.41 -19.77 16.52
CA LYS A 327 7.38 -20.26 15.61
C LYS A 327 6.93 -21.68 15.97
N GLU A 328 7.84 -22.48 16.53
CA GLU A 328 7.59 -23.91 16.76
C GLU A 328 6.73 -24.17 17.99
N THR A 329 7.04 -23.57 19.15
CA THR A 329 6.21 -23.89 20.31
C THR A 329 5.79 -22.69 21.14
N THR A 330 6.70 -21.76 21.47
CA THR A 330 6.30 -20.73 22.42
C THR A 330 5.24 -19.78 21.87
N SER A 331 5.13 -19.66 20.54
CA SER A 331 4.01 -18.92 19.98
C SER A 331 2.76 -19.77 19.84
N LYS A 332 2.83 -21.09 20.12
CA LYS A 332 1.72 -21.96 19.74
C LYS A 332 0.52 -21.81 20.66
N LYS A 333 0.71 -21.37 21.90
CA LYS A 333 -0.42 -21.23 22.81
C LYS A 333 -1.35 -20.13 22.35
N LYS A 334 -0.80 -18.96 22.03
CA LYS A 334 -1.62 -17.80 21.73
C LYS A 334 -1.44 -17.25 20.33
N GLY A 335 -0.47 -17.74 19.57
CA GLY A 335 -0.17 -17.09 18.30
C GLY A 335 -0.26 -17.96 17.07
N LEU A 336 -0.41 -17.31 15.91
CA LEU A 336 -0.22 -17.93 14.62
C LEU A 336 0.85 -17.11 13.91
N VAL A 337 1.99 -17.73 13.63
CA VAL A 337 3.05 -17.09 12.85
C VAL A 337 3.01 -17.67 11.44
N ILE A 338 2.80 -16.80 10.44
CA ILE A 338 2.51 -17.21 9.07
C ILE A 338 3.29 -16.31 8.12
N ASN A 339 3.73 -16.86 6.99
CA ASN A 339 4.58 -16.08 6.09
C ASN A 339 3.81 -15.10 5.21
N TRP A 340 2.49 -15.21 5.15
CA TRP A 340 1.63 -14.29 4.41
C TRP A 340 0.18 -14.65 4.72
N CYS A 341 -0.72 -13.69 4.80
CA CYS A 341 -2.11 -13.95 5.13
C CYS A 341 -3.01 -13.23 4.13
N PRO A 342 -4.31 -13.55 4.12
CA PRO A 342 -5.23 -12.75 3.30
C PRO A 342 -5.66 -11.49 4.04
N GLN A 343 -4.87 -10.43 3.90
CA GLN A 343 -4.97 -9.30 4.82
C GLN A 343 -6.37 -8.68 4.83
N LEU A 344 -7.01 -8.59 3.65
CA LEU A 344 -8.37 -8.03 3.63
C LEU A 344 -9.31 -8.88 4.46
N ASP A 345 -9.22 -10.20 4.35
CA ASP A 345 -10.11 -11.07 5.10
C ASP A 345 -9.76 -11.08 6.59
N VAL A 346 -8.49 -10.88 6.92
CA VAL A 346 -8.10 -10.84 8.33
C VAL A 346 -8.63 -9.57 8.99
N LEU A 347 -8.41 -8.42 8.36
CA LEU A 347 -8.89 -7.17 8.92
C LEU A 347 -10.42 -7.13 9.02
N ALA A 348 -11.12 -7.85 8.15
CA ALA A 348 -12.57 -7.92 8.21
C ALA A 348 -13.09 -8.85 9.31
N HIS A 349 -12.23 -9.64 9.92
CA HIS A 349 -12.68 -10.65 10.88
C HIS A 349 -12.97 -10.02 12.24
N LYS A 350 -14.12 -10.37 12.82
CA LYS A 350 -14.54 -9.74 14.07
C LYS A 350 -13.60 -10.03 15.24
N SER A 351 -12.81 -11.10 15.16
CA SER A 351 -11.86 -11.42 16.22
C SER A 351 -10.72 -10.41 16.33
N VAL A 352 -10.40 -9.68 15.27
CA VAL A 352 -9.23 -8.82 15.32
C VAL A 352 -9.57 -7.56 16.10
N ALA A 353 -8.81 -7.30 17.17
CA ALA A 353 -9.03 -6.12 17.98
C ALA A 353 -8.17 -4.94 17.53
N CYS A 354 -7.00 -5.19 16.97
CA CYS A 354 -6.13 -4.10 16.59
C CYS A 354 -5.03 -4.64 15.69
N PHE A 355 -4.34 -3.70 15.03
CA PHE A 355 -3.42 -3.99 13.94
C PHE A 355 -2.12 -3.26 14.26
N MET A 356 -1.09 -4.02 14.65
CA MET A 356 0.25 -3.48 14.80
C MET A 356 0.89 -3.46 13.41
N THR A 357 1.12 -2.26 12.88
CA THR A 357 1.43 -2.08 11.46
C THR A 357 2.63 -1.16 11.25
N HIS A 358 3.34 -1.38 10.12
CA HIS A 358 4.38 -0.43 9.70
C HIS A 358 3.80 0.83 9.06
N CYS A 359 2.48 0.89 8.85
CA CYS A 359 1.78 2.08 8.35
C CYS A 359 2.02 2.36 6.87
N GLY A 360 2.30 1.33 6.07
CA GLY A 360 2.18 1.50 4.63
C GLY A 360 0.76 1.90 4.26
N TRP A 361 0.61 2.60 3.13
CA TRP A 361 -0.70 3.19 2.87
C TRP A 361 -1.78 2.12 2.68
N ASN A 362 -1.49 1.01 1.98
CA ASN A 362 -2.54 0.02 1.80
C ASN A 362 -3.02 -0.50 3.15
N SER A 363 -2.07 -0.83 4.00
CA SER A 363 -2.42 -1.35 5.32
C SER A 363 -3.21 -0.33 6.14
N THR A 364 -2.78 0.93 6.12
CA THR A 364 -3.50 2.00 6.81
C THR A 364 -4.92 2.13 6.30
N LEU A 365 -5.07 2.22 4.98
CA LEU A 365 -6.40 2.39 4.40
C LEU A 365 -7.26 1.16 4.61
N GLU A 366 -6.70 -0.04 4.46
CA GLU A 366 -7.48 -1.26 4.67
C GLU A 366 -7.95 -1.37 6.12
N ALA A 367 -7.08 -1.02 7.07
CA ALA A 367 -7.49 -1.05 8.48
C ALA A 367 -8.58 -0.02 8.75
N LEU A 368 -8.37 1.21 8.26
CA LEU A 368 -9.35 2.27 8.43
C LEU A 368 -10.71 1.88 7.86
N CYS A 369 -10.72 1.31 6.64
CA CYS A 369 -11.96 0.93 5.99
C CYS A 369 -12.60 -0.31 6.62
N SER A 370 -11.85 -1.07 7.42
CA SER A 370 -12.36 -2.22 8.16
C SER A 370 -12.75 -1.86 9.59
N GLY A 371 -12.46 -0.65 10.03
CA GLY A 371 -12.79 -0.26 11.40
C GLY A 371 -11.85 -0.79 12.46
N VAL A 372 -10.59 -1.03 12.12
CA VAL A 372 -9.63 -1.69 13.00
C VAL A 372 -8.62 -0.65 13.47
N PRO A 373 -8.51 -0.39 14.78
CA PRO A 373 -7.53 0.58 15.28
C PRO A 373 -6.12 0.00 15.26
N MET A 374 -5.13 0.89 15.23
CA MET A 374 -3.75 0.48 14.95
C MET A 374 -2.75 0.89 16.03
N ILE A 375 -1.68 0.10 16.09
CA ILE A 375 -0.44 0.43 16.79
C ILE A 375 0.58 0.71 15.71
N CYS A 376 1.13 1.93 15.69
CA CYS A 376 1.94 2.40 14.57
C CYS A 376 3.43 2.20 14.88
N MET A 377 4.11 1.37 14.08
CA MET A 377 5.59 1.32 14.10
C MET A 377 6.10 1.55 12.69
N PRO A 378 6.11 2.80 12.25
CA PRO A 378 6.58 3.10 10.89
C PRO A 378 8.09 2.90 10.79
N GLN A 379 8.51 2.53 9.58
CA GLN A 379 9.93 2.26 9.32
C GLN A 379 10.59 3.30 8.42
N TRP A 380 9.98 3.64 7.29
CA TRP A 380 10.62 4.58 6.37
C TRP A 380 9.62 5.05 5.33
N ALA A 381 10.10 5.88 4.40
CA ALA A 381 9.29 6.54 3.37
C ALA A 381 8.03 7.14 3.98
N ASP A 382 6.88 6.96 3.32
CA ASP A 382 5.64 7.61 3.75
C ASP A 382 5.08 7.03 5.04
N GLN A 383 5.61 5.91 5.53
CA GLN A 383 5.08 5.32 6.77
C GLN A 383 5.12 6.29 7.94
N THR A 384 6.20 7.08 8.04
CA THR A 384 6.31 8.03 9.14
C THR A 384 5.17 9.04 9.12
N THR A 385 4.88 9.60 7.94
CA THR A 385 3.80 10.57 7.81
C THR A 385 2.44 9.92 8.02
N ASN A 386 2.26 8.70 7.50
CA ASN A 386 0.99 8.00 7.68
C ASN A 386 0.73 7.78 9.17
N ALA A 387 1.78 7.44 9.93
CA ALA A 387 1.61 7.22 11.36
C ALA A 387 1.14 8.48 12.07
N LYS A 388 1.67 9.64 11.67
CA LYS A 388 1.24 10.93 12.21
C LYS A 388 -0.24 11.19 11.91
N LEU A 389 -0.65 10.93 10.67
CA LEU A 389 -2.05 11.10 10.29
C LEU A 389 -2.96 10.15 11.07
N ILE A 390 -2.52 8.89 11.24
CA ILE A 390 -3.33 7.91 11.97
C ILE A 390 -3.57 8.37 13.40
N GLU A 391 -2.51 8.87 14.05
CA GLU A 391 -2.60 9.19 15.48
C GLU A 391 -3.29 10.52 15.73
N HIS A 392 -2.94 11.53 14.95
CA HIS A 392 -3.31 12.89 15.28
C HIS A 392 -4.44 13.47 14.43
N VAL A 393 -4.65 12.98 13.21
CA VAL A 393 -5.72 13.49 12.36
C VAL A 393 -6.93 12.56 12.39
N TRP A 394 -6.75 11.31 11.97
CA TRP A 394 -7.87 10.40 11.92
C TRP A 394 -8.17 9.82 13.29
N LYS A 395 -7.17 9.79 14.17
CA LYS A 395 -7.31 9.40 15.57
C LYS A 395 -7.82 7.97 15.69
N ILE A 396 -7.18 7.07 14.97
CA ILE A 396 -7.56 5.66 14.99
C ILE A 396 -6.36 4.78 15.36
N GLY A 397 -5.35 5.36 16.00
CA GLY A 397 -4.23 4.56 16.45
C GLY A 397 -3.31 5.33 17.38
N VAL A 398 -2.39 4.58 17.98
CA VAL A 398 -1.37 5.13 18.86
C VAL A 398 -0.01 4.78 18.28
N GLY A 399 0.97 5.63 18.57
CA GLY A 399 2.31 5.43 18.06
C GLY A 399 3.24 4.90 19.13
N VAL A 400 4.19 4.05 18.73
CA VAL A 400 5.25 3.61 19.62
C VAL A 400 6.37 4.64 19.61
N ASN A 401 7.18 4.60 20.67
CA ASN A 401 8.31 5.51 20.83
C ASN A 401 9.60 4.71 20.85
N LYS A 402 10.56 5.11 20.01
CA LYS A 402 11.88 4.49 20.01
C LYS A 402 12.67 4.93 21.24
N ILE A 408 15.80 1.55 18.83
CA ILE A 408 14.98 0.34 18.85
C ILE A 408 13.74 0.57 19.72
N VAL A 409 12.64 -0.06 19.32
CA VAL A 409 11.41 -0.04 20.10
C VAL A 409 11.45 -1.19 21.07
N LYS A 410 11.39 -0.86 22.37
CA LYS A 410 11.50 -1.89 23.38
C LYS A 410 10.14 -2.49 23.67
N ARG A 411 10.22 -3.73 24.13
CA ARG A 411 9.04 -4.55 24.36
C ARG A 411 8.09 -3.89 25.32
N GLU A 412 8.63 -3.25 26.35
CA GLU A 412 7.83 -2.50 27.31
C GLU A 412 6.94 -1.46 26.64
N GLU A 413 7.49 -0.72 25.66
CA GLU A 413 6.71 0.26 24.91
C GLU A 413 5.60 -0.41 24.10
N ILE A 414 5.88 -1.58 23.51
CA ILE A 414 4.89 -2.25 22.68
C ILE A 414 3.73 -2.75 23.54
N GLU A 415 4.04 -3.40 24.67
CA GLU A 415 3.00 -3.86 25.59
C GLU A 415 2.14 -2.71 26.10
N ASP A 416 2.76 -1.55 26.36
CA ASP A 416 1.99 -0.38 26.78
C ASP A 416 0.97 0.02 25.71
N CYS A 417 1.42 0.07 24.45
CA CYS A 417 0.50 0.42 23.36
C CYS A 417 -0.61 -0.62 23.22
N ILE A 418 -0.28 -1.91 23.37
CA ILE A 418 -1.32 -2.93 23.35
C ILE A 418 -2.35 -2.67 24.44
N ARG A 419 -1.90 -2.32 25.65
CA ARG A 419 -2.82 -2.05 26.74
C ARG A 419 -3.70 -0.84 26.42
N GLN A 420 -3.10 0.22 25.87
CA GLN A 420 -3.87 1.39 25.48
C GLN A 420 -5.02 1.02 24.54
N VAL A 421 -4.77 0.14 23.58
CA VAL A 421 -5.78 -0.19 22.58
C VAL A 421 -6.74 -1.28 23.06
N ILE A 422 -6.24 -2.34 23.70
CA ILE A 422 -7.10 -3.47 24.06
C ILE A 422 -7.96 -3.17 25.28
N GLU A 423 -7.40 -2.48 26.26
CA GLU A 423 -8.09 -2.35 27.54
C GLU A 423 -8.52 -0.94 27.87
N SER A 424 -7.69 0.06 27.60
CA SER A 424 -7.94 1.39 28.13
C SER A 424 -9.18 2.01 27.48
N GLU A 425 -9.72 3.03 28.16
CA GLU A 425 -10.80 3.81 27.58
C GLU A 425 -10.35 4.47 26.28
N ARG A 426 -9.08 4.87 26.19
CA ARG A 426 -8.57 5.43 24.94
C ARG A 426 -8.81 4.49 23.77
N GLY A 427 -8.61 3.19 23.99
CA GLY A 427 -8.79 2.23 22.92
C GLY A 427 -10.22 2.13 22.44
N LYS A 428 -11.18 2.27 23.36
CA LYS A 428 -12.58 2.31 22.94
C LYS A 428 -12.87 3.54 22.10
N GLU A 429 -12.24 4.68 22.42
CA GLU A 429 -12.38 5.84 21.56
C GLU A 429 -11.80 5.59 20.18
N LEU A 430 -10.59 5.01 20.13
CA LEU A 430 -9.96 4.74 18.84
C LEU A 430 -10.82 3.82 17.98
N LYS A 431 -11.47 2.84 18.63
CA LYS A 431 -12.34 1.89 17.91
C LYS A 431 -13.57 2.59 17.36
N ARG A 432 -14.21 3.44 18.18
CA ARG A 432 -15.36 4.20 17.70
C ARG A 432 -14.96 5.09 16.52
N ASN A 433 -13.79 5.72 16.60
CA ASN A 433 -13.34 6.56 15.50
C ASN A 433 -13.11 5.73 14.24
N ALA A 434 -12.52 4.54 14.39
CA ALA A 434 -12.30 3.68 13.23
C ALA A 434 -13.62 3.27 12.60
N ILE A 435 -14.65 3.02 13.42
CA ILE A 435 -15.95 2.64 12.86
C ILE A 435 -16.58 3.82 12.13
N LYS A 436 -16.39 5.05 12.61
CA LYS A 436 -16.89 6.21 11.89
C LYS A 436 -16.23 6.34 10.53
N TRP A 437 -14.92 6.11 10.47
CA TRP A 437 -14.25 6.17 9.17
C TRP A 437 -14.69 5.04 8.25
N LYS A 438 -14.88 3.84 8.82
CA LYS A 438 -15.41 2.71 8.05
C LYS A 438 -16.70 3.10 7.35
N GLU A 439 -17.58 3.78 8.09
CA GLU A 439 -18.87 4.22 7.55
C GLU A 439 -18.67 5.23 6.42
N LEU A 440 -17.74 6.16 6.58
CA LEU A 440 -17.50 7.13 5.51
C LEU A 440 -16.85 6.47 4.30
N ALA A 441 -15.99 5.48 4.52
CA ALA A 441 -15.40 4.77 3.38
C ALA A 441 -16.46 3.97 2.64
N LYS A 442 -17.38 3.33 3.38
CA LYS A 442 -18.51 2.65 2.75
C LYS A 442 -19.34 3.59 1.91
N GLU A 443 -19.60 4.80 2.44
CA GLU A 443 -20.32 5.80 1.68
C GLU A 443 -19.62 6.12 0.38
N ALA A 444 -18.29 6.28 0.42
CA ALA A 444 -17.55 6.72 -0.76
C ALA A 444 -17.59 5.71 -1.89
N VAL A 445 -17.61 4.40 -1.57
CA VAL A 445 -17.55 3.38 -2.61
C VAL A 445 -18.93 2.87 -2.99
N SER A 446 -19.97 3.28 -2.29
CA SER A 446 -21.32 2.87 -2.65
C SER A 446 -21.93 3.90 -3.61
N GLU A 447 -23.07 3.53 -4.19
CA GLU A 447 -23.67 4.36 -5.23
C GLU A 447 -23.95 5.76 -4.69
N GLY A 448 -23.58 6.77 -5.48
CA GLY A 448 -23.68 8.15 -5.06
C GLY A 448 -22.49 8.69 -4.30
N GLY A 449 -21.56 7.82 -3.85
CA GLY A 449 -20.41 8.29 -3.11
C GLY A 449 -19.31 8.85 -4.02
N SER A 450 -18.37 9.58 -3.41
CA SER A 450 -17.38 10.33 -4.20
C SER A 450 -16.50 9.40 -5.03
N SER A 451 -16.09 8.26 -4.49
CA SER A 451 -15.21 7.39 -5.25
C SER A 451 -15.96 6.60 -6.31
N CYS A 452 -17.17 6.16 -5.99
CA CYS A 452 -18.03 5.54 -6.99
C CYS A 452 -18.30 6.50 -8.14
N ASN A 453 -18.67 7.74 -7.83
CA ASN A 453 -18.88 8.74 -8.88
C ASN A 453 -17.60 8.93 -9.70
N ASN A 454 -16.43 8.96 -9.05
CA ASN A 454 -15.21 9.24 -9.80
C ASN A 454 -14.80 8.07 -10.68
N ILE A 455 -15.01 6.82 -10.21
CA ILE A 455 -14.75 5.67 -11.08
C ILE A 455 -15.73 5.66 -12.25
N GLN A 456 -16.98 6.06 -12.00
CA GLN A 456 -17.96 6.21 -13.09
C GLN A 456 -17.52 7.26 -14.10
N GLU A 457 -17.06 8.43 -13.63
CA GLU A 457 -16.60 9.46 -14.55
C GLU A 457 -15.43 8.97 -15.38
N PHE A 458 -14.50 8.25 -14.74
CA PHE A 458 -13.36 7.71 -15.48
C PHE A 458 -13.81 6.71 -16.53
N SER A 459 -14.69 5.78 -16.14
CA SER A 459 -15.19 4.78 -17.07
C SER A 459 -15.91 5.42 -18.25
N SER A 460 -16.77 6.41 -17.98
CA SER A 460 -17.54 7.05 -19.02
C SER A 460 -16.64 7.84 -19.97
N SER A 461 -15.61 8.49 -19.43
CA SER A 461 -14.63 9.20 -20.27
C SER A 461 -14.01 8.29 -21.33
N LEU A 462 -13.81 7.02 -20.98
CA LEU A 462 -13.19 6.08 -21.93
C LEU A 462 -14.15 5.59 -23.01
N LEU A 463 -15.43 5.89 -22.90
CA LEU A 463 -16.41 5.45 -23.89
C LEU A 463 -16.76 6.53 -24.91
#